data_4FZ3
#
_entry.id   4FZ3
#
_cell.length_a   114.809
_cell.length_b   114.809
_cell.length_c   123.202
_cell.angle_alpha   90.00
_cell.angle_beta   90.00
_cell.angle_gamma   120.00
#
_symmetry.space_group_name_H-M   'H 3 2'
#
loop_
_entity.id
_entity.type
_entity.pdbx_description
1 polymer 'NAD-dependent protein deacetylase sirtuin-3, mitochondrial'
2 polymer 'peptide from Cellular tumor antigen p53'
3 non-polymer 'ZINC ION'
4 water water
#
loop_
_entity_poly.entity_id
_entity_poly.type
_entity_poly.pdbx_seq_one_letter_code
_entity_poly.pdbx_strand_id
1 'polypeptide(L)'
;GSDKGKLSLQDVAELIRARACQRVVVMVGAGISTPSGIPDFRSPGSGLYSNLQQYDLPYPEAIFELPFFFHNPKPFFTLA
KELYPGNYKPNVTHYFLRLLHDKGLLLRLYTQNIDGLERVSGIPASKLVEAHGTFASATCTVCQRPFPGEDIRADVMADR
VPRCPVCTGVVKPDIVFFGEPLPQRFLLHVVDFPMADLLLILGTSLEVEPFASLTEAVRSSVPRLLINRDLVGPLAWHPR
SRDVAQLGDVVHGVESLVELLGWTEEMRDLVQRETGKLDGPDK
;
A
2 'polypeptide(L)' (ACE)RHK(ALY)(MCM) B
#
loop_
_chem_comp.id
_chem_comp.type
_chem_comp.name
_chem_comp.formula
ACE non-polymer 'ACETYL GROUP' 'C2 H4 O'
MCM non-polymer 7-AMINO-4-METHYL-CHROMEN-2-ONE 'C10 H9 N O2'
ZN non-polymer 'ZINC ION' 'Zn 2'
#
# COMPACT_ATOMS: atom_id res chain seq x y z
N LYS A 6 -7.10 -28.12 -1.31
CA LYS A 6 -7.22 -26.66 -1.49
C LYS A 6 -8.69 -26.17 -1.52
N LEU A 7 -8.91 -24.93 -1.04
CA LEU A 7 -10.23 -24.28 -1.14
C LEU A 7 -10.33 -23.51 -2.46
N SER A 8 -11.54 -23.14 -2.86
CA SER A 8 -11.68 -22.30 -4.06
C SER A 8 -12.11 -20.83 -3.77
N LEU A 9 -11.92 -19.97 -4.76
CA LEU A 9 -12.34 -18.58 -4.66
C LEU A 9 -13.77 -18.43 -4.16
N GLN A 10 -14.64 -19.37 -4.51
CA GLN A 10 -16.02 -19.32 -4.03
C GLN A 10 -16.18 -19.67 -2.55
N ASP A 11 -15.34 -20.57 -2.06
CA ASP A 11 -15.33 -20.93 -0.64
C ASP A 11 -15.00 -19.68 0.21
N VAL A 12 -13.85 -19.06 -0.08
CA VAL A 12 -13.41 -17.79 0.56
C VAL A 12 -14.52 -16.76 0.46
N ALA A 13 -15.05 -16.58 -0.75
CA ALA A 13 -16.20 -15.76 -0.97
C ALA A 13 -17.39 -16.12 -0.05
N GLU A 14 -17.65 -17.41 0.11
CA GLU A 14 -18.70 -17.85 1.01
C GLU A 14 -18.32 -17.63 2.48
N LEU A 15 -17.05 -17.84 2.83
CA LEU A 15 -16.60 -17.54 4.20
C LEU A 15 -16.79 -16.05 4.61
N ILE A 16 -16.61 -15.13 3.66
CA ILE A 16 -16.76 -13.71 3.93
C ILE A 16 -18.23 -13.36 3.89
N ARG A 17 -18.90 -13.93 2.90
CA ARG A 17 -20.30 -13.65 2.67
C ARG A 17 -21.05 -14.04 3.94
N ALA A 18 -20.70 -15.19 4.51
CA ALA A 18 -21.26 -15.67 5.79
C ALA A 18 -20.93 -14.75 6.94
N ARG A 19 -19.78 -14.07 6.83
CA ARG A 19 -19.21 -13.28 7.92
C ARG A 19 -18.56 -14.25 8.89
N ALA A 20 -18.25 -15.44 8.41
CA ALA A 20 -17.42 -16.38 9.18
C ALA A 20 -16.01 -15.80 9.29
N CYS A 21 -15.65 -15.01 8.28
CA CYS A 21 -14.41 -14.22 8.19
C CYS A 21 -14.79 -12.76 8.34
N GLN A 22 -14.40 -12.09 9.42
CA GLN A 22 -14.66 -10.65 9.51
C GLN A 22 -13.60 -9.78 10.14
N ARG A 23 -12.39 -10.33 10.32
CA ARG A 23 -11.21 -9.60 10.69
C ARG A 23 -10.19 -9.76 9.56
N VAL A 24 -10.43 -9.06 8.44
CA VAL A 24 -9.55 -9.24 7.26
C VAL A 24 -8.33 -8.35 7.40
N VAL A 25 -7.15 -8.98 7.31
CA VAL A 25 -5.88 -8.28 7.14
C VAL A 25 -5.43 -8.34 5.68
N VAL A 26 -5.28 -7.14 5.10
CA VAL A 26 -4.91 -7.00 3.66
C VAL A 26 -3.48 -6.46 3.47
N MET A 27 -2.78 -6.99 2.48
CA MET A 27 -1.44 -6.50 2.10
C MET A 27 -1.47 -6.29 0.60
N VAL A 28 -1.04 -5.08 0.20
CA VAL A 28 -1.11 -4.65 -1.18
C VAL A 28 0.22 -4.06 -1.65
N GLY A 29 0.44 -4.09 -2.95
CA GLY A 29 1.65 -3.50 -3.50
C GLY A 29 1.37 -2.89 -4.84
N ALA A 30 2.46 -2.69 -5.61
CA ALA A 30 2.41 -2.01 -6.89
C ALA A 30 1.43 -2.59 -7.88
N GLY A 31 1.19 -3.89 -7.87
CA GLY A 31 0.15 -4.42 -8.80
C GLY A 31 -1.25 -3.79 -8.67
N ILE A 32 -1.57 -3.21 -7.50
CA ILE A 32 -2.89 -2.59 -7.50
C ILE A 32 -2.83 -1.16 -8.01
N SER A 33 -1.63 -0.63 -8.13
CA SER A 33 -1.58 0.76 -8.64
C SER A 33 -1.45 0.98 -10.17
N THR A 34 -0.77 0.06 -10.82
CA THR A 34 -0.59 0.18 -12.30
C THR A 34 -1.95 0.32 -13.05
N PRO A 35 -3.04 -0.28 -12.55
CA PRO A 35 -4.27 0.00 -13.31
C PRO A 35 -4.80 1.43 -13.16
N SER A 36 -4.24 2.20 -12.23
CA SER A 36 -4.58 3.62 -12.11
C SER A 36 -3.66 4.42 -13.04
N GLY A 37 -2.74 3.70 -13.72
CA GLY A 37 -1.78 4.34 -14.63
C GLY A 37 -0.51 4.81 -13.95
N ILE A 38 -0.25 4.36 -12.72
CA ILE A 38 1.05 4.64 -12.11
C ILE A 38 2.06 3.55 -12.54
N PRO A 39 3.18 3.96 -13.15
CA PRO A 39 4.27 2.98 -13.50
C PRO A 39 4.90 2.32 -12.25
N ASP A 40 5.66 1.22 -12.47
CA ASP A 40 6.46 0.56 -11.40
C ASP A 40 7.99 0.72 -11.63
N PHE A 41 8.40 0.66 -12.90
CA PHE A 41 9.73 1.09 -13.38
C PHE A 41 9.49 2.19 -14.44
N LEU A 52 16.85 5.71 -20.05
CA LEU A 52 16.42 4.60 -19.21
C LEU A 52 15.25 5.02 -18.35
N GLN A 53 15.55 5.64 -17.21
CA GLN A 53 14.55 6.42 -16.52
C GLN A 53 15.03 7.85 -16.42
N GLN A 54 14.19 8.73 -16.95
CA GLN A 54 14.49 10.13 -17.34
C GLN A 54 14.84 11.02 -16.13
N TYR A 55 14.58 10.51 -14.92
CA TYR A 55 14.72 11.24 -13.63
C TYR A 55 16.14 11.68 -13.22
N ASP A 56 17.16 11.42 -14.04
CA ASP A 56 18.55 11.86 -13.76
C ASP A 56 19.16 11.10 -12.58
N LEU A 57 18.91 9.80 -12.54
CA LEU A 57 19.36 9.01 -11.41
C LEU A 57 20.54 8.20 -11.84
N PRO A 58 21.50 8.01 -10.96
CA PRO A 58 22.58 7.02 -11.18
C PRO A 58 22.05 5.59 -11.23
N TYR A 59 21.05 5.23 -10.42
CA TYR A 59 20.38 3.89 -10.49
C TYR A 59 18.99 4.10 -9.84
N PRO A 60 18.02 3.22 -10.13
CA PRO A 60 16.62 3.44 -9.72
C PRO A 60 16.48 3.71 -8.21
N GLU A 61 17.21 2.99 -7.40
CA GLU A 61 17.03 3.11 -5.99
C GLU A 61 17.56 4.39 -5.42
N ALA A 62 18.46 5.09 -6.14
CA ALA A 62 18.97 6.36 -5.57
C ALA A 62 17.78 7.30 -5.24
N ILE A 63 16.62 7.10 -5.84
CA ILE A 63 15.55 8.10 -5.58
C ILE A 63 15.04 8.04 -4.11
N PHE A 64 15.23 6.87 -3.45
CA PHE A 64 14.92 6.72 -2.03
C PHE A 64 16.13 6.46 -1.14
N GLU A 65 17.29 7.06 -1.52
CA GLU A 65 18.45 7.05 -0.60
C GLU A 65 18.75 8.41 -0.09
N LEU A 66 18.98 8.50 1.22
CA LEU A 66 19.26 9.73 1.88
C LEU A 66 20.57 10.44 1.42
N PRO A 67 21.65 9.69 1.16
CA PRO A 67 22.86 10.47 0.72
C PRO A 67 22.70 11.07 -0.66
N PHE A 68 22.21 10.27 -1.62
CA PHE A 68 21.82 10.86 -2.89
C PHE A 68 20.89 12.08 -2.74
N PHE A 69 19.84 11.91 -1.91
CA PHE A 69 18.86 12.97 -1.76
C PHE A 69 19.50 14.21 -1.21
N PHE A 70 20.37 14.04 -0.23
CA PHE A 70 21.13 15.18 0.28
C PHE A 70 21.97 15.81 -0.85
N HIS A 71 22.66 14.96 -1.61
CA HIS A 71 23.47 15.48 -2.74
C HIS A 71 22.56 16.13 -3.76
N ASN A 72 21.43 15.50 -4.07
CA ASN A 72 20.50 16.06 -5.10
C ASN A 72 19.01 15.73 -4.87
N PRO A 73 18.28 16.60 -4.16
CA PRO A 73 16.87 16.29 -3.84
C PRO A 73 15.90 16.41 -4.99
N LYS A 74 16.36 16.91 -6.15
CA LYS A 74 15.46 17.17 -7.31
C LYS A 74 14.71 16.03 -7.93
N PRO A 75 15.40 14.92 -8.18
CA PRO A 75 14.68 13.80 -8.76
C PRO A 75 13.48 13.35 -7.82
N PHE A 76 13.76 13.18 -6.55
CA PHE A 76 12.70 12.80 -5.61
C PHE A 76 11.54 13.81 -5.68
N PHE A 77 11.87 15.10 -5.65
CA PHE A 77 10.78 16.12 -5.71
C PHE A 77 9.96 16.14 -7.00
N THR A 78 10.58 15.87 -8.13
CA THR A 78 9.88 15.53 -9.37
C THR A 78 8.91 14.38 -9.17
N LEU A 79 9.32 13.30 -8.48
CA LEU A 79 8.37 12.21 -8.25
C LEU A 79 7.25 12.72 -7.31
N ALA A 80 7.61 13.46 -6.28
CA ALA A 80 6.58 13.93 -5.31
C ALA A 80 5.51 14.75 -6.06
N LYS A 81 5.99 15.68 -6.89
CA LYS A 81 5.11 16.53 -7.70
C LYS A 81 4.17 15.62 -8.55
N GLU A 82 4.72 14.60 -9.13
CA GLU A 82 3.94 13.73 -9.94
C GLU A 82 2.92 12.92 -9.14
N LEU A 83 3.20 12.64 -7.87
CA LEU A 83 2.33 11.71 -7.11
C LEU A 83 1.36 12.52 -6.19
N TYR A 84 1.48 13.85 -6.23
CA TYR A 84 0.47 14.68 -5.50
C TYR A 84 -0.94 14.41 -5.94
N PRO A 85 -1.92 14.61 -5.02
CA PRO A 85 -3.34 14.46 -5.40
C PRO A 85 -3.76 15.19 -6.67
N GLY A 86 -4.64 14.54 -7.40
CA GLY A 86 -5.12 15.03 -8.69
C GLY A 86 -4.45 14.42 -9.94
N ASN A 87 -3.32 13.73 -9.79
CA ASN A 87 -2.71 13.06 -11.00
C ASN A 87 -3.31 11.69 -11.23
N TYR A 88 -3.63 10.99 -10.13
CA TYR A 88 -4.18 9.67 -10.22
C TYR A 88 -5.48 9.45 -9.38
N LYS A 89 -6.34 8.54 -9.84
CA LYS A 89 -7.49 8.14 -9.05
C LYS A 89 -7.44 6.67 -8.70
N PRO A 90 -8.10 6.29 -7.58
CA PRO A 90 -8.17 4.88 -7.25
C PRO A 90 -8.94 4.06 -8.31
N ASN A 91 -8.71 2.75 -8.32
CA ASN A 91 -9.39 1.89 -9.26
C ASN A 91 -10.16 0.85 -8.47
N VAL A 92 -10.76 -0.12 -9.18
CA VAL A 92 -11.63 -1.14 -8.57
C VAL A 92 -11.01 -1.86 -7.42
N THR A 93 -9.72 -2.07 -7.47
CA THR A 93 -9.08 -2.78 -6.44
C THR A 93 -9.10 -2.01 -5.10
N HIS A 94 -8.88 -0.67 -5.16
CA HIS A 94 -8.90 0.20 -3.99
C HIS A 94 -10.36 0.24 -3.48
N TYR A 95 -11.31 0.42 -4.43
CA TYR A 95 -12.73 0.53 -4.07
C TYR A 95 -13.27 -0.80 -3.50
N PHE A 96 -12.66 -1.96 -3.83
CA PHE A 96 -13.07 -3.24 -3.22
C PHE A 96 -12.60 -3.21 -1.79
N LEU A 97 -11.41 -2.68 -1.56
CA LEU A 97 -10.94 -2.61 -0.18
C LEU A 97 -11.80 -1.63 0.68
N ARG A 98 -12.30 -0.60 0.05
CA ARG A 98 -13.14 0.40 0.72
C ARG A 98 -14.47 -0.26 1.14
N LEU A 99 -14.95 -1.13 0.27
CA LEU A 99 -16.15 -1.91 0.53
C LEU A 99 -15.99 -2.89 1.70
N LEU A 100 -14.91 -3.62 1.76
CA LEU A 100 -14.60 -4.38 2.93
C LEU A 100 -14.62 -3.53 4.20
N HIS A 101 -13.98 -2.36 4.14
CA HIS A 101 -14.13 -1.42 5.27
C HIS A 101 -15.63 -1.08 5.57
N ASP A 102 -16.39 -0.72 4.53
CA ASP A 102 -17.74 -0.23 4.72
C ASP A 102 -18.65 -1.38 5.27
N LYS A 103 -18.25 -2.62 5.02
CA LYS A 103 -19.00 -3.79 5.53
C LYS A 103 -18.49 -4.34 6.86
N GLY A 104 -17.60 -3.58 7.54
CA GLY A 104 -17.11 -3.95 8.88
C GLY A 104 -16.21 -5.15 8.80
N LEU A 105 -15.54 -5.39 7.66
CA LEU A 105 -14.70 -6.60 7.55
C LEU A 105 -13.18 -6.35 7.66
N LEU A 106 -12.77 -5.07 7.55
CA LEU A 106 -11.35 -4.73 7.46
C LEU A 106 -10.71 -4.56 8.84
N LEU A 107 -9.84 -5.49 9.23
CA LEU A 107 -9.03 -5.23 10.42
C LEU A 107 -7.91 -4.19 10.07
N ARG A 108 -7.07 -4.47 9.07
CA ARG A 108 -5.96 -3.55 8.73
C ARG A 108 -5.54 -3.72 7.29
N LEU A 109 -5.23 -2.58 6.66
CA LEU A 109 -4.68 -2.61 5.28
C LEU A 109 -3.21 -2.15 5.31
N TYR A 110 -2.32 -3.09 5.02
CA TYR A 110 -0.85 -2.82 4.95
C TYR A 110 -0.46 -2.49 3.49
N THR A 111 0.10 -1.30 3.23
CA THR A 111 0.40 -0.98 1.82
C THR A 111 1.85 -0.64 1.63
N GLN A 112 2.45 -1.13 0.54
CA GLN A 112 3.78 -0.75 0.13
C GLN A 112 3.81 0.45 -0.83
N ASN A 113 2.64 0.84 -1.38
CA ASN A 113 2.55 1.95 -2.33
C ASN A 113 2.61 3.26 -1.64
N ILE A 114 2.96 4.31 -2.40
CA ILE A 114 3.15 5.60 -1.84
C ILE A 114 2.33 6.61 -2.59
N ASP A 115 1.40 6.11 -3.35
CA ASP A 115 0.57 6.96 -4.17
C ASP A 115 -0.60 7.53 -3.34
N GLY A 116 -0.75 7.06 -2.12
CA GLY A 116 -1.80 7.51 -1.20
C GLY A 116 -3.23 7.12 -1.65
N LEU A 117 -3.39 6.21 -2.60
CA LEU A 117 -4.70 5.97 -3.14
C LEU A 117 -5.63 5.18 -2.17
N GLU A 118 -5.10 4.42 -1.23
CA GLU A 118 -5.93 3.77 -0.24
C GLU A 118 -6.72 4.85 0.55
N ARG A 119 -6.04 5.90 1.03
CA ARG A 119 -6.69 7.07 1.78
C ARG A 119 -7.66 7.78 0.86
N VAL A 120 -7.18 8.07 -0.36
CA VAL A 120 -8.06 8.64 -1.36
C VAL A 120 -9.41 7.84 -1.58
N SER A 121 -9.33 6.53 -1.55
CA SER A 121 -10.54 5.79 -1.85
C SER A 121 -11.47 5.88 -0.61
N GLY A 122 -10.98 6.52 0.47
CA GLY A 122 -11.84 6.84 1.62
C GLY A 122 -11.69 5.84 2.73
N ILE A 123 -10.65 5.02 2.70
CA ILE A 123 -10.32 4.21 3.84
C ILE A 123 -9.65 5.05 4.90
N PRO A 124 -10.20 5.03 6.13
CA PRO A 124 -9.77 5.91 7.19
C PRO A 124 -8.34 5.58 7.48
N ALA A 125 -7.56 6.59 7.82
CA ALA A 125 -6.16 6.38 8.30
C ALA A 125 -5.97 5.32 9.40
N SER A 126 -6.97 5.19 10.28
CA SER A 126 -6.80 4.30 11.46
C SER A 126 -6.75 2.83 11.00
N LYS A 127 -7.39 2.53 9.88
CA LYS A 127 -7.30 1.23 9.20
C LYS A 127 -5.99 1.02 8.35
N LEU A 128 -5.17 2.06 8.14
CA LEU A 128 -4.03 1.93 7.16
C LEU A 128 -2.69 1.90 7.88
N VAL A 129 -1.83 1.00 7.40
CA VAL A 129 -0.44 1.04 7.71
C VAL A 129 0.28 1.34 6.39
N GLU A 130 0.70 2.60 6.22
CA GLU A 130 1.38 3.06 4.98
C GLU A 130 2.84 2.75 5.19
N ALA A 131 3.20 1.51 4.91
CA ALA A 131 4.47 0.98 5.47
C ALA A 131 5.73 1.66 4.82
N HIS A 132 5.58 2.24 3.62
CA HIS A 132 6.65 3.00 3.04
C HIS A 132 6.42 4.52 3.14
N GLY A 133 5.48 4.89 4.02
CA GLY A 133 5.13 6.26 4.43
C GLY A 133 4.16 6.93 3.45
N THR A 134 4.24 8.26 3.44
CA THR A 134 3.20 9.11 2.90
C THR A 134 3.68 10.51 2.55
N PHE A 135 3.05 11.07 1.54
CA PHE A 135 3.25 12.49 1.21
C PHE A 135 2.39 13.45 2.01
N ALA A 136 1.52 12.91 2.87
CA ALA A 136 0.51 13.72 3.57
C ALA A 136 1.17 14.57 4.58
N SER A 137 2.32 14.14 5.08
CA SER A 137 3.10 14.97 6.01
C SER A 137 4.60 14.97 5.63
N ALA A 138 5.37 15.83 6.27
CA ALA A 138 6.76 16.01 5.93
C ALA A 138 7.55 16.34 7.16
N THR A 139 8.88 16.19 7.07
CA THR A 139 9.73 16.37 8.22
C THR A 139 11.07 17.04 7.85
N CYS A 140 11.45 18.08 8.58
CA CYS A 140 12.77 18.64 8.45
C CYS A 140 13.92 17.60 8.64
N THR A 141 14.75 17.45 7.60
CA THR A 141 15.85 16.46 7.70
C THR A 141 16.86 16.89 8.71
N VAL A 142 16.85 18.14 9.17
CA VAL A 142 17.93 18.54 10.07
C VAL A 142 17.46 18.63 11.51
N CYS A 143 16.37 19.37 11.77
CA CYS A 143 16.00 19.52 13.17
C CYS A 143 14.83 18.62 13.56
N GLN A 144 14.36 17.80 12.64
CA GLN A 144 13.19 16.88 12.85
C GLN A 144 11.83 17.53 13.11
N ARG A 145 11.71 18.84 12.94
CA ARG A 145 10.35 19.46 12.99
C ARG A 145 9.38 18.87 11.98
N PRO A 146 8.15 18.47 12.46
CA PRO A 146 7.09 17.95 11.59
C PRO A 146 6.30 19.03 10.85
N PHE A 147 5.78 18.75 9.65
CA PHE A 147 4.98 19.77 8.95
C PHE A 147 3.93 19.09 8.11
N PRO A 148 2.69 19.64 8.07
CA PRO A 148 1.64 19.07 7.17
C PRO A 148 2.14 19.20 5.77
N GLY A 149 1.78 18.25 4.90
CA GLY A 149 2.32 18.24 3.55
C GLY A 149 1.85 19.43 2.72
N GLU A 150 0.69 19.96 3.08
CA GLU A 150 0.23 21.25 2.57
C GLU A 150 1.28 22.34 2.68
N ASP A 151 1.97 22.40 3.81
CA ASP A 151 2.95 23.43 4.04
C ASP A 151 4.06 23.49 2.99
N ILE A 152 4.33 22.37 2.32
CA ILE A 152 5.42 22.41 1.29
C ILE A 152 4.90 22.26 -0.15
N ARG A 153 3.59 22.06 -0.24
CA ARG A 153 2.92 21.82 -1.49
C ARG A 153 3.32 22.85 -2.55
N ALA A 154 3.24 24.15 -2.22
CA ALA A 154 3.55 25.20 -3.21
C ALA A 154 4.99 25.17 -3.69
N ASP A 155 5.93 24.95 -2.78
CA ASP A 155 7.34 24.84 -3.17
C ASP A 155 7.52 23.69 -4.18
N VAL A 156 6.95 22.53 -3.85
CA VAL A 156 7.09 21.33 -4.74
C VAL A 156 6.42 21.58 -6.07
N MET A 157 5.16 22.04 -6.00
CA MET A 157 4.39 22.40 -7.17
C MET A 157 5.07 23.43 -8.06
N ALA A 158 6.11 24.16 -7.55
CA ALA A 158 6.98 25.14 -8.28
C ALA A 158 8.40 24.75 -8.56
N ASP A 159 8.75 23.48 -8.34
CA ASP A 159 10.11 23.01 -8.53
C ASP A 159 11.10 23.75 -7.67
N ARG A 160 10.67 24.22 -6.50
CA ARG A 160 11.71 24.64 -5.55
C ARG A 160 11.88 23.74 -4.27
N VAL A 161 13.11 23.60 -3.79
CA VAL A 161 13.37 22.65 -2.76
C VAL A 161 12.86 23.24 -1.42
N PRO A 162 11.96 22.48 -0.73
CA PRO A 162 11.38 23.24 0.40
C PRO A 162 12.32 23.20 1.59
N ARG A 163 12.41 24.33 2.30
CA ARG A 163 13.38 24.53 3.38
C ARG A 163 12.75 24.86 4.72
N CYS A 164 13.35 24.34 5.77
CA CYS A 164 12.86 24.55 7.15
C CYS A 164 12.78 26.05 7.53
N PRO A 165 11.61 26.54 7.99
CA PRO A 165 11.50 28.00 8.31
C PRO A 165 12.24 28.39 9.58
N VAL A 166 12.78 27.40 10.27
CA VAL A 166 13.64 27.70 11.43
C VAL A 166 15.11 27.47 11.12
N CYS A 167 15.50 26.25 10.69
CA CYS A 167 16.96 25.88 10.56
C CYS A 167 17.53 25.87 9.12
N THR A 168 16.69 26.03 8.11
CA THR A 168 17.00 26.00 6.67
C THR A 168 17.18 24.60 6.08
N GLY A 169 17.05 23.56 6.90
CA GLY A 169 17.23 22.16 6.45
C GLY A 169 16.22 21.84 5.37
N VAL A 170 16.56 20.97 4.42
CA VAL A 170 15.58 20.49 3.41
C VAL A 170 14.41 19.79 4.13
N VAL A 171 13.20 20.13 3.76
CA VAL A 171 12.08 19.45 4.36
C VAL A 171 11.64 18.31 3.49
N LYS A 172 11.74 17.05 3.99
CA LYS A 172 11.40 15.84 3.20
C LYS A 172 10.03 15.21 3.57
N PRO A 173 9.14 15.05 2.59
CA PRO A 173 7.88 14.29 2.76
C PRO A 173 8.17 12.99 3.43
N ASP A 174 7.24 12.46 4.21
CA ASP A 174 7.52 11.30 5.08
C ASP A 174 7.46 10.01 4.32
N ILE A 175 8.09 9.96 3.13
CA ILE A 175 8.45 8.67 2.45
C ILE A 175 9.62 8.05 3.20
N VAL A 176 9.48 6.75 3.48
CA VAL A 176 10.51 5.98 4.13
C VAL A 176 11.59 5.67 3.03
N PHE A 177 12.81 6.01 3.34
CA PHE A 177 13.94 5.74 2.41
C PHE A 177 14.68 4.48 2.87
N PHE A 178 15.42 3.85 1.98
CA PHE A 178 16.39 2.77 2.39
C PHE A 178 17.19 3.00 3.65
N GLY A 179 17.25 2.01 4.53
CA GLY A 179 17.96 2.16 5.78
C GLY A 179 17.14 2.80 6.90
N GLU A 180 15.99 3.40 6.57
CA GLU A 180 15.17 4.07 7.59
C GLU A 180 14.27 3.05 8.29
N PRO A 181 13.97 3.29 9.57
CA PRO A 181 12.98 2.38 10.27
C PRO A 181 11.63 2.49 9.56
N LEU A 182 10.88 1.42 9.51
CA LEU A 182 9.50 1.50 9.00
C LEU A 182 8.68 2.42 9.97
N PRO A 183 7.54 2.94 9.50
CA PRO A 183 6.88 3.91 10.39
C PRO A 183 6.44 3.21 11.73
N GLN A 184 6.32 3.95 12.82
CA GLN A 184 5.81 3.42 14.08
C GLN A 184 4.52 2.63 13.96
N ARG A 185 3.59 3.01 13.08
CA ARG A 185 2.33 2.30 12.97
C ARG A 185 2.58 0.86 12.46
N PHE A 186 3.70 0.65 11.76
CA PHE A 186 4.03 -0.74 11.38
C PHE A 186 4.02 -1.73 12.56
N LEU A 187 4.39 -1.27 13.76
CA LEU A 187 4.30 -2.07 14.98
C LEU A 187 2.93 -2.70 15.22
N LEU A 188 1.87 -2.20 14.59
CA LEU A 188 0.56 -2.87 14.68
C LEU A 188 0.61 -4.30 14.18
N HIS A 189 1.57 -4.67 13.31
CA HIS A 189 1.67 -6.05 12.82
C HIS A 189 1.74 -7.05 13.95
N VAL A 190 2.33 -6.63 15.08
CA VAL A 190 2.47 -7.48 16.30
C VAL A 190 1.12 -7.91 16.86
N VAL A 191 0.09 -7.11 16.67
CA VAL A 191 -1.26 -7.52 17.11
C VAL A 191 -2.18 -7.94 15.95
N ASP A 192 -1.97 -7.37 14.75
CA ASP A 192 -2.94 -7.57 13.70
C ASP A 192 -2.79 -8.97 13.15
N PHE A 193 -1.56 -9.42 12.92
CA PHE A 193 -1.41 -10.70 12.23
C PHE A 193 -1.90 -11.94 13.07
N PRO A 194 -1.62 -12.02 14.41
CA PRO A 194 -2.32 -13.12 15.20
C PRO A 194 -3.89 -13.02 15.26
N MET A 195 -4.41 -11.79 15.16
CA MET A 195 -5.84 -11.52 15.22
C MET A 195 -6.53 -11.75 13.88
N ALA A 196 -5.76 -11.77 12.78
CA ALA A 196 -6.26 -12.01 11.44
C ALA A 196 -7.03 -13.32 11.35
N ASP A 197 -8.28 -13.19 10.93
CA ASP A 197 -9.09 -14.33 10.62
C ASP A 197 -9.00 -14.64 9.09
N LEU A 198 -8.53 -13.68 8.26
CA LEU A 198 -8.29 -13.90 6.80
C LEU A 198 -7.22 -12.97 6.22
N LEU A 199 -6.32 -13.51 5.42
CA LEU A 199 -5.24 -12.73 4.86
C LEU A 199 -5.38 -12.65 3.34
N LEU A 200 -5.58 -11.41 2.88
CA LEU A 200 -5.73 -11.10 1.47
C LEU A 200 -4.52 -10.37 0.99
N ILE A 201 -3.89 -10.93 -0.03
CA ILE A 201 -2.68 -10.32 -0.60
C ILE A 201 -2.98 -9.96 -2.03
N LEU A 202 -2.93 -8.67 -2.33
CA LEU A 202 -3.27 -8.16 -3.67
C LEU A 202 -2.10 -7.45 -4.32
N GLY A 203 -1.73 -7.88 -5.52
CA GLY A 203 -0.79 -7.16 -6.37
C GLY A 203 0.59 -6.97 -5.87
N THR A 204 1.13 -7.96 -5.20
CA THR A 204 2.50 -7.94 -4.71
C THR A 204 2.84 -9.39 -4.38
N SER A 205 4.13 -9.74 -4.41
CA SER A 205 4.56 -11.12 -4.09
C SER A 205 5.05 -11.13 -2.66
N LEU A 206 5.52 -9.97 -2.21
CA LEU A 206 5.93 -9.76 -0.83
C LEU A 206 7.16 -10.60 -0.68
N GLU A 207 8.07 -10.36 -1.61
CA GLU A 207 9.28 -11.12 -1.72
C GLU A 207 10.21 -10.78 -0.58
N VAL A 208 9.99 -9.61 -0.01
CA VAL A 208 11.04 -8.90 0.70
C VAL A 208 10.65 -8.67 2.16
N GLU A 209 11.65 -8.70 3.05
CA GLU A 209 11.46 -8.59 4.49
C GLU A 209 11.11 -7.13 4.85
N PRO A 210 10.37 -6.91 5.96
CA PRO A 210 9.81 -7.95 6.84
C PRO A 210 8.45 -8.46 6.35
N PHE A 211 8.10 -8.15 5.12
CA PHE A 211 6.77 -8.44 4.64
C PHE A 211 6.56 -9.91 4.36
N ALA A 212 7.64 -10.57 3.96
CA ALA A 212 7.57 -11.94 3.53
C ALA A 212 7.25 -12.82 4.73
N SER A 213 7.95 -12.62 5.84
CA SER A 213 7.65 -13.29 7.12
C SER A 213 6.24 -13.04 7.63
N LEU A 214 5.73 -11.82 7.41
CA LEU A 214 4.37 -11.47 7.90
C LEU A 214 3.34 -12.46 7.33
N THR A 215 3.59 -12.97 6.12
CA THR A 215 2.68 -13.96 5.51
C THR A 215 2.56 -15.23 6.39
N GLU A 216 3.66 -15.56 7.06
CA GLU A 216 3.69 -16.65 8.05
C GLU A 216 3.22 -16.37 9.49
N ALA A 217 3.01 -15.08 9.84
CA ALA A 217 2.57 -14.71 11.20
C ALA A 217 1.07 -14.95 11.46
N VAL A 218 0.30 -15.25 10.42
CA VAL A 218 -1.11 -15.57 10.66
C VAL A 218 -1.29 -17.02 11.25
N ARG A 219 -2.44 -17.33 11.83
CA ARG A 219 -2.66 -18.64 12.45
C ARG A 219 -2.98 -19.73 11.38
N SER A 220 -2.26 -20.85 11.43
CA SER A 220 -2.35 -21.96 10.43
C SER A 220 -3.80 -22.26 9.93
N SER A 221 -4.78 -21.97 10.74
CA SER A 221 -6.18 -22.15 10.38
C SER A 221 -6.71 -21.08 9.38
N VAL A 222 -5.90 -20.04 9.14
CA VAL A 222 -6.41 -18.85 8.46
C VAL A 222 -6.09 -18.94 6.99
N PRO A 223 -7.14 -18.94 6.16
CA PRO A 223 -6.92 -18.93 4.70
C PRO A 223 -6.02 -17.75 4.28
N ARG A 224 -5.23 -17.95 3.22
CA ARG A 224 -4.45 -16.89 2.62
C ARG A 224 -4.77 -16.80 1.11
N LEU A 225 -5.51 -15.74 0.74
CA LEU A 225 -5.91 -15.50 -0.62
C LEU A 225 -5.01 -14.51 -1.35
N LEU A 226 -4.28 -15.01 -2.33
CA LEU A 226 -3.47 -14.18 -3.21
C LEU A 226 -4.20 -13.93 -4.53
N ILE A 227 -4.26 -12.65 -4.89
CA ILE A 227 -4.80 -12.23 -6.16
C ILE A 227 -3.65 -11.51 -6.69
N ASN A 228 -3.03 -12.17 -7.64
CA ASN A 228 -1.78 -11.71 -8.19
C ASN A 228 -1.65 -12.32 -9.59
N ARG A 229 -0.67 -11.83 -10.36
CA ARG A 229 -0.50 -12.28 -11.75
C ARG A 229 -0.04 -13.74 -11.73
N ASP A 230 1.11 -13.99 -11.12
CA ASP A 230 1.65 -15.33 -10.96
C ASP A 230 1.49 -15.77 -9.49
N LEU A 231 2.03 -16.94 -9.19
CA LEU A 231 2.08 -17.49 -7.84
C LEU A 231 3.55 -17.50 -7.37
N VAL A 232 3.97 -16.41 -6.72
CA VAL A 232 5.35 -16.37 -6.19
C VAL A 232 5.41 -15.91 -4.72
N GLY A 233 6.62 -15.78 -4.19
CA GLY A 233 6.77 -15.46 -2.78
C GLY A 233 6.46 -16.61 -1.82
N PRO A 234 6.36 -16.33 -0.51
CA PRO A 234 6.19 -17.34 0.53
C PRO A 234 4.86 -18.12 0.44
N LEU A 235 3.93 -17.64 -0.37
CA LEU A 235 2.71 -18.42 -0.65
C LEU A 235 3.02 -19.58 -1.60
N ALA A 236 4.07 -19.38 -2.40
CA ALA A 236 4.71 -20.43 -3.19
C ALA A 236 5.70 -21.27 -2.35
N TRP A 237 6.63 -20.61 -1.65
CA TRP A 237 7.75 -21.27 -0.93
C TRP A 237 7.30 -22.18 0.21
N HIS A 238 6.39 -21.69 1.06
CA HIS A 238 5.93 -22.48 2.20
C HIS A 238 4.40 -22.54 2.26
N PRO A 239 3.76 -23.04 1.18
CA PRO A 239 2.30 -23.04 1.10
C PRO A 239 1.70 -23.72 2.30
N ARG A 240 0.45 -23.44 2.55
CA ARG A 240 -0.22 -24.00 3.65
C ARG A 240 -1.46 -24.62 3.11
N SER A 241 -2.11 -25.44 3.93
CA SER A 241 -3.34 -26.14 3.56
C SER A 241 -4.43 -25.24 2.96
N ARG A 242 -4.75 -24.14 3.63
CA ARG A 242 -5.90 -23.31 3.22
C ARG A 242 -5.61 -22.08 2.33
N ASP A 243 -4.49 -22.11 1.59
CA ASP A 243 -4.16 -21.08 0.59
C ASP A 243 -5.01 -21.21 -0.68
N VAL A 244 -5.22 -20.07 -1.35
CA VAL A 244 -5.98 -19.98 -2.58
C VAL A 244 -5.27 -18.98 -3.43
N ALA A 245 -5.04 -19.33 -4.70
CA ALA A 245 -4.43 -18.43 -5.63
C ALA A 245 -5.47 -18.05 -6.65
N GLN A 246 -5.41 -16.80 -7.07
CA GLN A 246 -6.31 -16.37 -8.11
C GLN A 246 -5.40 -15.52 -8.97
N LEU A 247 -4.85 -16.19 -9.97
CA LEU A 247 -3.77 -15.66 -10.77
C LEU A 247 -4.39 -15.11 -12.04
N GLY A 248 -3.71 -14.17 -12.67
CA GLY A 248 -4.35 -13.37 -13.69
C GLY A 248 -4.23 -11.90 -13.35
N ASP A 249 -4.72 -11.07 -14.27
CA ASP A 249 -5.00 -9.67 -14.08
C ASP A 249 -5.73 -9.47 -12.71
N VAL A 250 -5.08 -8.69 -11.84
CA VAL A 250 -5.60 -8.31 -10.48
C VAL A 250 -7.04 -7.77 -10.51
N VAL A 251 -7.29 -6.92 -11.51
CA VAL A 251 -8.56 -6.26 -11.66
C VAL A 251 -9.58 -7.32 -11.93
N HIS A 252 -9.28 -8.17 -12.93
CA HIS A 252 -10.16 -9.33 -13.23
C HIS A 252 -10.40 -10.15 -12.00
N GLY A 253 -9.32 -10.60 -11.36
CA GLY A 253 -9.46 -11.41 -10.12
C GLY A 253 -10.41 -10.74 -9.08
N VAL A 254 -10.23 -9.42 -8.85
CA VAL A 254 -11.00 -8.75 -7.78
C VAL A 254 -12.41 -8.67 -8.21
N GLU A 255 -12.58 -8.36 -9.50
CA GLU A 255 -13.94 -8.32 -10.05
C GLU A 255 -14.67 -9.64 -9.92
N SER A 256 -13.97 -10.76 -10.12
CA SER A 256 -14.61 -12.11 -9.93
C SER A 256 -14.83 -12.42 -8.49
N LEU A 257 -13.95 -11.95 -7.62
CA LEU A 257 -14.25 -12.07 -6.18
C LEU A 257 -15.52 -11.25 -5.87
N VAL A 258 -15.59 -10.04 -6.41
CA VAL A 258 -16.70 -9.14 -6.14
C VAL A 258 -18.00 -9.79 -6.61
N GLU A 259 -17.92 -10.30 -7.83
CA GLU A 259 -18.99 -11.07 -8.43
C GLU A 259 -19.46 -12.17 -7.50
N LEU A 260 -18.54 -13.03 -7.10
CA LEU A 260 -18.82 -14.12 -6.13
C LEU A 260 -19.38 -13.73 -4.77
N LEU A 261 -19.07 -12.50 -4.31
CA LEU A 261 -19.56 -12.05 -2.98
C LEU A 261 -20.97 -11.55 -3.15
N GLY A 262 -21.36 -11.28 -4.38
CA GLY A 262 -22.58 -10.59 -4.67
C GLY A 262 -22.48 -9.08 -4.43
N TRP A 263 -21.30 -8.49 -4.61
CA TRP A 263 -21.18 -7.01 -4.34
C TRP A 263 -21.15 -6.12 -5.57
N THR A 264 -21.65 -6.64 -6.69
CA THR A 264 -21.60 -5.93 -7.97
C THR A 264 -22.25 -4.55 -7.98
N GLU A 265 -23.53 -4.51 -7.59
CA GLU A 265 -24.27 -3.28 -7.42
C GLU A 265 -23.64 -2.29 -6.39
N GLU A 266 -23.23 -2.82 -5.23
CA GLU A 266 -22.56 -1.97 -4.21
C GLU A 266 -21.26 -1.32 -4.72
N MET A 267 -20.48 -2.09 -5.47
CA MET A 267 -19.31 -1.58 -6.18
C MET A 267 -19.62 -0.45 -7.17
N ARG A 268 -20.58 -0.68 -8.04
CA ARG A 268 -20.98 0.38 -8.95
C ARG A 268 -21.47 1.63 -8.19
N ASP A 269 -22.26 1.42 -7.14
CA ASP A 269 -22.76 2.53 -6.34
C ASP A 269 -21.61 3.38 -5.79
N LEU A 270 -20.62 2.70 -5.26
CA LEU A 270 -19.52 3.33 -4.57
C LEU A 270 -18.67 4.08 -5.62
N VAL A 271 -18.42 3.40 -6.73
CA VAL A 271 -17.57 3.99 -7.78
C VAL A 271 -18.16 5.26 -8.36
N GLN A 272 -19.46 5.30 -8.61
CA GLN A 272 -19.98 6.56 -9.12
C GLN A 272 -20.21 7.66 -8.05
N ARG A 273 -20.42 7.26 -6.79
CA ARG A 273 -20.45 8.19 -5.66
C ARG A 273 -19.06 8.88 -5.58
N GLU A 274 -18.00 8.10 -5.58
CA GLU A 274 -16.65 8.65 -5.39
C GLU A 274 -16.05 9.36 -6.64
N THR A 275 -16.32 8.86 -7.85
CA THR A 275 -15.64 9.40 -9.05
C THR A 275 -16.56 9.88 -10.20
C ACE B 1 14.15 -4.18 15.54
O ACE B 1 13.83 -2.95 15.37
CH3 ACE B 1 13.70 -5.06 16.69
N ARG B 2 14.21 -5.06 14.45
CA ARG B 2 14.94 -4.20 13.53
C ARG B 2 14.11 -3.58 12.45
N HIS B 3 12.80 -3.57 12.51
CA HIS B 3 12.05 -3.44 11.28
C HIS B 3 12.51 -2.15 10.50
N LYS B 4 13.25 -2.30 9.31
CA LYS B 4 13.83 -1.16 8.55
C LYS B 4 13.52 -1.42 7.13
OH ALY B 5 9.97 1.97 -1.45
CH ALY B 5 10.16 2.97 -0.83
CH3 ALY B 5 9.45 4.25 -1.22
NZ ALY B 5 11.02 2.99 0.18
CE ALY B 5 11.70 1.78 0.64
CD ALY B 5 11.86 1.81 2.17
CG ALY B 5 12.37 0.46 2.70
CB ALY B 5 12.75 0.70 4.13
CA ALY B 5 13.33 -0.55 4.80
N ALY B 5 13.59 -0.16 6.18
C ALY B 5 14.70 -0.89 4.21
O ALY B 5 15.60 -0.13 4.52
N MCM B 6 14.85 -1.88 3.21
CA MCM B 6 15.89 -2.30 2.45
C2 MCM B 6 17.07 -1.59 2.55
C3 MCM B 6 18.17 -1.97 1.80
C4 MCM B 6 20.44 -1.57 1.21
C5 MCM B 6 20.49 -2.66 0.35
C6 MCM B 6 19.33 -3.45 0.20
C7 MCM B 6 18.11 -3.08 0.97
C8 MCM B 6 16.92 -3.81 0.87
C9 MCM B 6 15.81 -3.44 1.63
C10 MCM B 6 19.30 -4.65 -0.71
O1 MCM B 6 19.30 -1.21 1.92
O2 MCM B 6 21.51 -0.76 1.41
ZN ZN C . 14.59 22.38 10.55
#